data_1Q98
#
_entry.id   1Q98
#
_cell.length_a   35.033
_cell.length_b   43.667
_cell.length_c   104.587
_cell.angle_alpha   90.00
_cell.angle_beta   97.34
_cell.angle_gamma   90.00
#
_symmetry.space_group_name_H-M   'P 1 21 1'
#
loop_
_entity.id
_entity.type
_entity.pdbx_description
1 polymer 'Thiol Peroxidase'
2 water water
#
_entity_poly.entity_id   1
_entity_poly.type   'polypeptide(L)'
_entity_poly.pdbx_seq_one_letter_code
;MTVTLAGNPIEVGGHFPQVGEIVENFILVGNDLADVALNDFASKRKVLNIFPSIDTGVCATSVRKFNQQAAKLSNTIVLC
ISADLPFAQARFCGAEGIENAKTVSTFRNHALHSQLGVDIQTGPLAGLTSRAVIVLDEQNNVLHSQLVEEIKEEPNYEAA
LAVLA
;
_entity_poly.pdbx_strand_id   A,B
#
# COMPACT_ATOMS: atom_id res chain seq x y z
N THR A 2 -5.64 -13.25 21.36
CA THR A 2 -4.94 -13.87 20.20
C THR A 2 -5.88 -13.93 19.00
N VAL A 3 -5.41 -13.43 17.85
CA VAL A 3 -6.21 -13.42 16.63
C VAL A 3 -5.75 -14.52 15.68
N THR A 4 -6.68 -15.04 14.88
CA THR A 4 -6.34 -16.11 13.94
C THR A 4 -6.85 -15.82 12.53
N LEU A 5 -6.24 -16.50 11.57
CA LEU A 5 -6.60 -16.37 10.16
C LEU A 5 -6.83 -17.77 9.60
N ALA A 6 -8.09 -18.09 9.33
CA ALA A 6 -8.43 -19.41 8.80
C ALA A 6 -7.90 -20.49 9.73
N GLY A 7 -8.02 -20.25 11.03
CA GLY A 7 -7.55 -21.20 12.01
C GLY A 7 -6.15 -20.90 12.49
N ASN A 8 -5.23 -20.80 11.54
CA ASN A 8 -3.83 -20.51 11.87
C ASN A 8 -3.75 -19.13 12.53
N PRO A 9 -3.31 -19.09 13.80
CA PRO A 9 -3.18 -17.84 14.54
C PRO A 9 -2.09 -16.90 14.04
N ILE A 10 -2.41 -15.62 14.00
CA ILE A 10 -1.46 -14.61 13.55
C ILE A 10 -1.15 -13.66 14.70
N GLU A 11 0.10 -13.19 14.76
CA GLU A 11 0.50 -12.27 15.81
C GLU A 11 0.14 -10.83 15.48
N VAL A 12 -0.55 -10.17 16.41
CA VAL A 12 -0.97 -8.79 16.23
C VAL A 12 -0.37 -7.95 17.36
N GLY A 13 0.55 -7.07 17.01
CA GLY A 13 1.20 -6.25 18.02
C GLY A 13 0.46 -4.97 18.39
N GLY A 14 0.85 -4.40 19.53
CA GLY A 14 0.23 -3.18 19.99
C GLY A 14 -0.86 -3.39 21.02
N HIS A 15 -1.26 -2.31 21.68
CA HIS A 15 -2.31 -2.35 22.68
C HIS A 15 -3.64 -1.99 22.01
N PHE A 16 -4.55 -2.93 21.89
CA PHE A 16 -5.84 -2.64 21.25
C PHE A 16 -6.70 -1.79 22.19
N PRO A 17 -7.22 -0.64 21.71
CA PRO A 17 -8.05 0.23 22.54
C PRO A 17 -9.26 -0.47 23.15
N GLN A 18 -9.42 -0.30 24.46
CA GLN A 18 -10.55 -0.90 25.19
C GLN A 18 -11.50 0.17 25.68
N VAL A 19 -12.71 -0.25 26.04
CA VAL A 19 -13.70 0.69 26.55
C VAL A 19 -13.07 1.28 27.81
N GLY A 20 -13.19 2.58 27.99
CA GLY A 20 -12.61 3.22 29.16
C GLY A 20 -11.27 3.86 28.87
N GLU A 21 -10.88 3.90 27.59
CA GLU A 21 -9.60 4.51 27.20
C GLU A 21 -9.87 5.55 26.12
N ILE A 22 -8.97 6.52 26.00
CA ILE A 22 -9.10 7.58 25.02
C ILE A 22 -8.08 7.41 23.89
N VAL A 23 -8.57 7.46 22.65
CA VAL A 23 -7.68 7.31 21.50
C VAL A 23 -7.09 8.68 21.14
N GLU A 24 -5.78 8.70 20.95
CA GLU A 24 -5.05 9.91 20.61
C GLU A 24 -5.16 10.23 19.12
N ASN A 25 -4.97 11.50 18.79
CA ASN A 25 -5.04 11.94 17.39
C ASN A 25 -4.02 11.20 16.53
N PHE A 26 -4.34 11.02 15.26
CA PHE A 26 -3.47 10.36 14.29
C PHE A 26 -3.70 10.96 12.91
N ILE A 27 -2.71 10.83 12.04
CA ILE A 27 -2.80 11.39 10.70
C ILE A 27 -2.64 10.32 9.63
N LEU A 28 -3.65 10.23 8.77
CA LEU A 28 -3.61 9.26 7.69
C LEU A 28 -3.72 9.99 6.35
N VAL A 29 -3.83 9.25 5.26
CA VAL A 29 -3.90 9.87 3.93
C VAL A 29 -5.23 9.60 3.21
N GLY A 30 -5.85 10.67 2.71
CA GLY A 30 -7.12 10.55 2.02
C GLY A 30 -6.95 10.18 0.56
N ASN A 31 -8.07 9.95 -0.12
CA ASN A 31 -8.06 9.54 -1.53
C ASN A 31 -7.36 10.53 -2.47
N ASP A 32 -7.30 11.79 -2.09
CA ASP A 32 -6.66 12.81 -2.91
C ASP A 32 -5.19 13.01 -2.51
N LEU A 33 -4.72 12.09 -1.67
CA LEU A 33 -3.34 12.09 -1.18
C LEU A 33 -3.05 13.19 -0.17
N ALA A 34 -4.09 13.85 0.31
CA ALA A 34 -3.96 14.91 1.30
C ALA A 34 -4.08 14.26 2.67
N ASP A 35 -3.41 14.83 3.67
CA ASP A 35 -3.46 14.26 5.02
C ASP A 35 -4.81 14.46 5.68
N VAL A 36 -5.21 13.46 6.45
CA VAL A 36 -6.47 13.48 7.17
C VAL A 36 -6.18 13.10 8.62
N ALA A 37 -6.57 13.96 9.56
CA ALA A 37 -6.31 13.70 10.96
C ALA A 37 -7.58 13.39 11.76
N LEU A 38 -7.43 12.62 12.82
CA LEU A 38 -8.57 12.27 13.67
C LEU A 38 -9.18 13.59 14.14
N ASN A 39 -8.31 14.53 14.47
CA ASN A 39 -8.73 15.85 14.96
C ASN A 39 -9.53 16.67 13.94
N ASP A 40 -9.48 16.29 12.66
CA ASP A 40 -10.24 17.03 11.66
C ASP A 40 -11.74 16.86 11.90
N PHE A 41 -12.09 15.90 12.75
CA PHE A 41 -13.50 15.65 13.05
C PHE A 41 -13.76 15.81 14.55
N ALA A 42 -13.11 16.79 15.15
CA ALA A 42 -13.28 17.04 16.57
C ALA A 42 -14.74 17.31 16.93
N SER A 43 -15.14 16.82 18.10
CA SER A 43 -16.49 16.97 18.64
C SER A 43 -17.56 16.09 17.98
N LYS A 44 -17.14 15.21 17.08
CA LYS A 44 -18.06 14.31 16.39
C LYS A 44 -17.74 12.88 16.84
N ARG A 45 -18.69 11.97 16.70
CA ARG A 45 -18.43 10.58 17.07
C ARG A 45 -17.73 9.98 15.87
N LYS A 46 -16.95 8.91 16.10
CA LYS A 46 -16.22 8.29 15.01
C LYS A 46 -16.31 6.76 15.05
N VAL A 47 -16.30 6.15 13.87
CA VAL A 47 -16.29 4.71 13.80
C VAL A 47 -15.05 4.38 12.99
N LEU A 48 -14.09 3.71 13.61
CA LEU A 48 -12.86 3.33 12.93
C LEU A 48 -13.10 1.91 12.44
N ASN A 49 -13.25 1.78 11.13
CA ASN A 49 -13.53 0.50 10.48
C ASN A 49 -12.21 0.06 9.83
N ILE A 50 -11.47 -0.79 10.53
CA ILE A 50 -10.15 -1.24 10.12
C ILE A 50 -10.13 -2.56 9.35
N PHE A 51 -9.53 -2.54 8.15
CA PHE A 51 -9.47 -3.71 7.26
C PHE A 51 -8.06 -4.14 6.82
N PRO A 52 -7.80 -5.45 6.77
CA PRO A 52 -6.47 -5.91 6.33
C PRO A 52 -6.27 -5.32 4.93
N SER A 53 -7.36 -5.28 4.17
CA SER A 53 -7.36 -4.70 2.83
C SER A 53 -8.79 -4.46 2.36
N ILE A 54 -9.03 -3.35 1.67
CA ILE A 54 -10.37 -3.08 1.15
C ILE A 54 -10.32 -3.24 -0.37
N ASP A 55 -9.30 -3.96 -0.85
CA ASP A 55 -9.09 -4.19 -2.28
C ASP A 55 -8.90 -5.69 -2.53
N THR A 56 -9.68 -6.52 -1.83
CA THR A 56 -9.54 -7.97 -1.98
C THR A 56 -10.24 -8.52 -3.22
N GLY A 57 -11.06 -7.71 -3.87
CA GLY A 57 -11.79 -8.17 -5.04
C GLY A 57 -13.16 -8.72 -4.69
N VAL A 58 -13.33 -9.03 -3.41
CA VAL A 58 -14.59 -9.55 -2.92
C VAL A 58 -15.13 -8.55 -1.89
N CYS A 59 -16.21 -7.86 -2.26
CA CYS A 59 -16.80 -6.85 -1.37
C CYS A 59 -18.24 -7.22 -1.00
N ALA A 60 -18.43 -7.57 0.28
CA ALA A 60 -19.75 -7.93 0.79
C ALA A 60 -20.65 -6.73 0.99
N THR A 61 -21.92 -6.87 0.59
CA THR A 61 -22.86 -5.77 0.72
C THR A 61 -23.02 -5.42 2.19
N SER A 62 -22.77 -6.38 3.08
CA SER A 62 -22.88 -6.16 4.52
C SER A 62 -21.83 -5.15 4.99
N VAL A 63 -20.70 -5.08 4.29
CA VAL A 63 -19.66 -4.13 4.65
C VAL A 63 -20.17 -2.72 4.36
N ARG A 64 -20.73 -2.54 3.16
CA ARG A 64 -21.27 -1.25 2.75
C ARG A 64 -22.46 -0.83 3.60
N LYS A 65 -23.33 -1.79 3.91
CA LYS A 65 -24.51 -1.52 4.71
C LYS A 65 -24.15 -0.92 6.07
N PHE A 66 -23.17 -1.51 6.74
CA PHE A 66 -22.75 -1.01 8.05
C PHE A 66 -22.30 0.44 7.95
N ASN A 67 -21.44 0.74 6.99
CA ASN A 67 -20.94 2.09 6.83
C ASN A 67 -22.09 3.08 6.67
N GLN A 68 -23.06 2.74 5.83
CA GLN A 68 -24.21 3.60 5.60
C GLN A 68 -25.02 3.82 6.87
N GLN A 69 -25.26 2.76 7.62
CA GLN A 69 -26.04 2.89 8.85
C GLN A 69 -25.33 3.77 9.88
N ALA A 70 -24.04 3.50 10.08
CA ALA A 70 -23.27 4.28 11.04
C ALA A 70 -23.15 5.74 10.64
N ALA A 71 -22.88 5.97 9.36
CA ALA A 71 -22.73 7.32 8.84
C ALA A 71 -24.03 8.13 8.90
N LYS A 72 -25.17 7.45 8.87
CA LYS A 72 -26.46 8.14 8.92
C LYS A 72 -26.78 8.56 10.35
N LEU A 73 -26.05 8.02 11.32
CA LEU A 73 -26.29 8.35 12.71
C LEU A 73 -25.88 9.78 12.99
N SER A 74 -26.48 10.37 14.01
CA SER A 74 -26.20 11.74 14.38
C SER A 74 -24.74 12.02 14.73
N ASN A 75 -24.20 13.09 14.14
CA ASN A 75 -22.83 13.55 14.38
C ASN A 75 -21.87 12.37 14.46
N THR A 76 -21.77 11.61 13.38
CA THR A 76 -20.90 10.46 13.33
C THR A 76 -20.13 10.44 12.00
N ILE A 77 -18.85 10.08 12.08
CA ILE A 77 -18.00 9.98 10.89
C ILE A 77 -17.43 8.57 10.85
N VAL A 78 -17.47 7.93 9.68
CA VAL A 78 -16.94 6.58 9.56
C VAL A 78 -15.60 6.65 8.81
N LEU A 79 -14.55 6.15 9.46
CA LEU A 79 -13.23 6.13 8.85
C LEU A 79 -12.84 4.71 8.55
N CYS A 80 -12.77 4.38 7.25
CA CYS A 80 -12.35 3.04 6.86
C CYS A 80 -10.85 3.12 6.68
N ILE A 81 -10.14 2.36 7.51
CA ILE A 81 -8.69 2.37 7.54
C ILE A 81 -8.02 1.08 7.08
N SER A 82 -7.01 1.22 6.24
CA SER A 82 -6.24 0.06 5.76
C SER A 82 -4.92 0.56 5.19
N ALA A 83 -4.01 -0.37 4.90
CA ALA A 83 -2.71 -0.05 4.34
C ALA A 83 -2.73 0.05 2.81
N ASP A 84 -3.90 -0.17 2.20
CA ASP A 84 -4.03 -0.06 0.74
C ASP A 84 -3.73 1.40 0.38
N LEU A 85 -3.07 1.63 -0.74
CA LEU A 85 -2.78 3.00 -1.15
C LEU A 85 -4.08 3.71 -1.54
N PRO A 86 -4.10 5.05 -1.47
CA PRO A 86 -5.28 5.84 -1.83
C PRO A 86 -5.83 5.47 -3.20
N PHE A 87 -4.94 5.16 -4.15
CA PHE A 87 -5.36 4.79 -5.50
C PHE A 87 -6.33 3.63 -5.47
N ALA A 88 -6.08 2.69 -4.56
CA ALA A 88 -6.94 1.52 -4.45
C ALA A 88 -8.15 1.77 -3.56
N GLN A 89 -7.95 2.56 -2.50
CA GLN A 89 -9.02 2.87 -1.56
C GLN A 89 -10.24 3.53 -2.20
N ALA A 90 -10.13 3.88 -3.48
CA ALA A 90 -11.24 4.50 -4.20
C ALA A 90 -12.03 3.42 -4.93
N ARG A 91 -11.57 2.18 -4.79
CA ARG A 91 -12.20 1.04 -5.44
C ARG A 91 -12.98 0.22 -4.41
N PHE A 92 -13.15 0.82 -3.23
CA PHE A 92 -13.86 0.18 -2.15
C PHE A 92 -15.36 0.39 -2.31
N CYS A 93 -16.13 -0.67 -2.09
CA CYS A 93 -17.59 -0.60 -2.23
C CYS A 93 -18.31 -0.12 -0.98
N GLY A 94 -17.60 -0.04 0.14
CA GLY A 94 -18.23 0.39 1.37
C GLY A 94 -18.13 1.85 1.73
N ALA A 95 -17.47 2.65 0.90
CA ALA A 95 -17.32 4.06 1.19
C ALA A 95 -17.84 4.98 0.10
N GLU A 96 -17.55 4.65 -1.15
CA GLU A 96 -17.99 5.47 -2.28
C GLU A 96 -19.49 5.74 -2.26
N GLY A 97 -19.84 7.03 -2.23
CA GLY A 97 -21.24 7.41 -2.22
C GLY A 97 -21.84 7.73 -0.87
N ILE A 98 -21.08 7.49 0.20
CA ILE A 98 -21.57 7.77 1.54
C ILE A 98 -20.96 9.04 2.12
N GLU A 99 -21.79 10.06 2.30
CA GLU A 99 -21.36 11.35 2.81
C GLU A 99 -20.36 11.30 3.96
N ASN A 100 -20.76 10.73 5.09
CA ASN A 100 -19.87 10.66 6.25
C ASN A 100 -19.09 9.36 6.42
N ALA A 101 -18.61 8.83 5.30
CA ALA A 101 -17.83 7.60 5.29
C ALA A 101 -16.64 7.80 4.37
N LYS A 102 -15.45 7.94 4.95
CA LYS A 102 -14.25 8.17 4.17
C LYS A 102 -13.19 7.09 4.38
N THR A 103 -12.42 6.81 3.34
CA THR A 103 -11.36 5.83 3.47
C THR A 103 -10.04 6.58 3.60
N VAL A 104 -9.18 6.09 4.46
CA VAL A 104 -7.87 6.72 4.67
C VAL A 104 -6.80 5.63 4.72
N SER A 105 -5.63 5.95 4.19
CA SER A 105 -4.53 4.99 4.13
C SER A 105 -3.40 5.20 5.13
N THR A 106 -2.81 4.09 5.59
CA THR A 106 -1.69 4.13 6.54
C THR A 106 -0.34 3.96 5.84
N PHE A 107 -0.30 4.02 4.50
CA PHE A 107 0.98 3.80 3.82
C PHE A 107 2.14 4.72 4.24
N ARG A 108 1.81 5.90 4.76
CA ARG A 108 2.79 6.88 5.23
C ARG A 108 2.87 6.89 6.76
N ASN A 109 2.08 6.05 7.41
CA ASN A 109 2.10 6.03 8.87
C ASN A 109 1.89 4.63 9.42
N HIS A 110 2.87 3.76 9.16
CA HIS A 110 2.79 2.39 9.62
C HIS A 110 2.80 2.33 11.15
N ALA A 111 3.32 3.36 11.80
CA ALA A 111 3.35 3.38 13.27
C ALA A 111 1.93 3.35 13.86
N LEU A 112 0.95 3.77 13.05
CA LEU A 112 -0.42 3.79 13.51
C LEU A 112 -0.95 2.38 13.77
N HIS A 113 -0.43 1.41 13.02
CA HIS A 113 -0.85 0.03 13.19
C HIS A 113 -0.67 -0.42 14.64
N SER A 114 0.54 -0.29 15.15
CA SER A 114 0.81 -0.68 16.54
C SER A 114 0.06 0.22 17.52
N GLN A 115 -0.04 1.50 17.18
CA GLN A 115 -0.74 2.47 18.03
C GLN A 115 -2.18 2.03 18.34
N LEU A 116 -2.85 1.43 17.36
CA LEU A 116 -4.22 0.97 17.57
C LEU A 116 -4.27 -0.52 17.87
N GLY A 117 -3.11 -1.12 18.08
CA GLY A 117 -3.03 -2.54 18.40
C GLY A 117 -3.58 -3.46 17.32
N VAL A 118 -3.39 -3.07 16.07
CA VAL A 118 -3.87 -3.86 14.94
C VAL A 118 -2.72 -4.22 14.00
N ASP A 119 -1.49 -4.19 14.52
CA ASP A 119 -0.30 -4.49 13.73
C ASP A 119 -0.01 -5.98 13.55
N ILE A 120 -0.39 -6.54 12.39
CA ILE A 120 -0.14 -7.95 12.09
C ILE A 120 1.36 -8.06 11.78
N GLN A 121 2.05 -8.98 12.43
CA GLN A 121 3.49 -9.10 12.22
C GLN A 121 3.98 -10.37 11.53
N THR A 122 3.14 -11.40 11.51
CA THR A 122 3.50 -12.67 10.90
C THR A 122 2.61 -13.07 9.74
N GLY A 123 2.86 -14.25 9.19
CA GLY A 123 2.04 -14.73 8.09
C GLY A 123 2.07 -13.84 6.87
N PRO A 124 1.28 -14.19 5.84
CA PRO A 124 1.21 -13.42 4.60
C PRO A 124 0.60 -12.03 4.76
N LEU A 125 -0.10 -11.80 5.86
CA LEU A 125 -0.74 -10.50 6.08
C LEU A 125 0.10 -9.56 6.94
N ALA A 126 1.36 -9.93 7.18
CA ALA A 126 2.24 -9.08 7.97
C ALA A 126 2.36 -7.74 7.27
N GLY A 127 2.28 -6.65 8.03
CA GLY A 127 2.37 -5.33 7.42
C GLY A 127 1.01 -4.69 7.20
N LEU A 128 -0.06 -5.48 7.36
CA LEU A 128 -1.43 -5.00 7.19
C LEU A 128 -2.07 -4.79 8.56
N THR A 129 -3.22 -4.14 8.60
CA THR A 129 -3.93 -3.89 9.86
C THR A 129 -4.97 -4.97 10.08
N SER A 130 -5.02 -5.55 11.27
CA SER A 130 -5.99 -6.60 11.55
C SER A 130 -7.42 -6.05 11.51
N ARG A 131 -8.40 -6.92 11.20
CA ARG A 131 -9.79 -6.50 11.13
C ARG A 131 -10.29 -6.05 12.50
N ALA A 132 -10.83 -4.84 12.56
CA ALA A 132 -11.33 -4.32 13.83
C ALA A 132 -12.30 -3.18 13.63
N VAL A 133 -13.11 -2.95 14.66
CA VAL A 133 -14.06 -1.86 14.65
C VAL A 133 -13.91 -1.16 16.00
N ILE A 134 -13.68 0.15 15.96
CA ILE A 134 -13.54 0.94 17.17
C ILE A 134 -14.48 2.13 17.11
N VAL A 135 -15.36 2.23 18.11
CA VAL A 135 -16.33 3.33 18.18
C VAL A 135 -15.91 4.33 19.25
N LEU A 136 -15.72 5.58 18.85
CA LEU A 136 -15.30 6.67 19.75
C LEU A 136 -16.38 7.71 19.94
N ASP A 137 -16.48 8.28 21.14
CA ASP A 137 -17.47 9.31 21.36
C ASP A 137 -16.88 10.66 20.96
N GLU A 138 -17.61 11.73 21.26
CA GLU A 138 -17.17 13.08 20.90
C GLU A 138 -15.89 13.50 21.63
N GLN A 139 -15.44 12.68 22.58
CA GLN A 139 -14.23 12.98 23.36
C GLN A 139 -13.12 12.00 23.04
N ASN A 140 -13.36 11.16 22.03
CA ASN A 140 -12.42 10.13 21.59
C ASN A 140 -12.27 9.02 22.60
N ASN A 141 -13.26 8.93 23.47
CA ASN A 141 -13.32 7.90 24.49
C ASN A 141 -13.92 6.68 23.77
N VAL A 142 -13.36 5.50 24.01
CA VAL A 142 -13.86 4.28 23.37
C VAL A 142 -15.20 3.83 23.94
N LEU A 143 -16.23 3.75 23.09
CA LEU A 143 -17.56 3.32 23.54
C LEU A 143 -17.68 1.81 23.31
N HIS A 144 -17.01 1.33 22.28
CA HIS A 144 -17.03 -0.08 21.94
C HIS A 144 -15.84 -0.36 21.05
N SER A 145 -15.28 -1.55 21.16
CA SER A 145 -14.16 -1.92 20.32
C SER A 145 -14.14 -3.43 20.18
N GLN A 146 -13.71 -3.89 19.02
CA GLN A 146 -13.61 -5.30 18.75
C GLN A 146 -12.48 -5.62 17.80
N LEU A 147 -11.60 -6.50 18.26
CA LEU A 147 -10.50 -6.95 17.42
C LEU A 147 -11.04 -8.30 16.99
N VAL A 148 -11.46 -8.40 15.73
CA VAL A 148 -12.04 -9.63 15.20
C VAL A 148 -11.14 -10.85 15.39
N GLU A 149 -11.58 -11.79 16.23
CA GLU A 149 -10.80 -12.99 16.52
C GLU A 149 -10.45 -13.81 15.27
N GLU A 150 -11.31 -13.76 14.27
CA GLU A 150 -11.09 -14.46 13.02
C GLU A 150 -11.26 -13.48 11.86
N ILE A 151 -10.16 -13.14 11.22
CA ILE A 151 -10.17 -12.19 10.10
C ILE A 151 -11.24 -12.50 9.06
N LYS A 152 -11.49 -13.78 8.82
CA LYS A 152 -12.49 -14.18 7.83
C LYS A 152 -13.90 -14.13 8.41
N GLU A 153 -14.02 -13.55 9.60
CA GLU A 153 -15.32 -13.44 10.28
C GLU A 153 -15.87 -12.02 10.18
N GLU A 154 -17.19 -11.90 10.07
CA GLU A 154 -17.83 -10.60 9.99
C GLU A 154 -17.86 -10.02 11.40
N PRO A 155 -17.50 -8.73 11.56
CA PRO A 155 -17.49 -8.08 12.87
C PRO A 155 -18.90 -7.99 13.46
N ASN A 156 -18.98 -7.72 14.75
CA ASN A 156 -20.27 -7.57 15.43
C ASN A 156 -20.72 -6.13 15.18
N TYR A 157 -21.30 -5.89 14.01
CA TYR A 157 -21.76 -4.57 13.62
C TYR A 157 -22.88 -4.05 14.51
N GLU A 158 -23.76 -4.94 14.95
CA GLU A 158 -24.87 -4.53 15.79
C GLU A 158 -24.38 -3.92 17.10
N ALA A 159 -23.36 -4.53 17.70
CA ALA A 159 -22.82 -4.02 18.95
C ALA A 159 -22.26 -2.62 18.74
N ALA A 160 -21.63 -2.39 17.59
CA ALA A 160 -21.05 -1.06 17.31
C ALA A 160 -22.12 0.00 17.10
N LEU A 161 -23.18 -0.34 16.37
CA LEU A 161 -24.26 0.61 16.13
C LEU A 161 -25.03 0.87 17.44
N ALA A 162 -25.18 -0.17 18.24
CA ALA A 162 -25.91 -0.07 19.50
C ALA A 162 -25.41 1.05 20.41
N VAL A 163 -24.10 1.20 20.53
CA VAL A 163 -23.53 2.22 21.40
C VAL A 163 -23.70 3.64 20.88
N LEU A 164 -24.02 3.79 19.59
CA LEU A 164 -24.20 5.11 19.01
C LEU A 164 -25.65 5.57 18.97
N ALA A 165 -26.57 4.65 19.25
CA ALA A 165 -27.99 4.99 19.23
C ALA A 165 -28.75 4.25 20.33
N THR B 2 16.63 16.71 -7.58
CA THR B 2 16.41 17.40 -8.88
C THR B 2 15.23 16.79 -9.60
N VAL B 3 14.47 15.97 -8.89
CA VAL B 3 13.29 15.31 -9.48
C VAL B 3 12.05 16.18 -9.28
N THR B 4 11.15 16.18 -10.27
CA THR B 4 9.95 16.99 -10.17
C THR B 4 8.68 16.20 -10.50
N LEU B 5 7.55 16.73 -10.05
CA LEU B 5 6.25 16.13 -10.30
C LEU B 5 5.39 17.14 -11.03
N ALA B 6 5.18 16.92 -12.33
CA ALA B 6 4.39 17.82 -13.14
C ALA B 6 5.00 19.22 -13.09
N GLY B 7 6.31 19.26 -12.91
CA GLY B 7 7.03 20.53 -12.84
C GLY B 7 7.41 20.94 -11.44
N ASN B 8 6.66 20.45 -10.44
CA ASN B 8 6.92 20.81 -9.04
C ASN B 8 7.99 19.94 -8.40
N PRO B 9 9.06 20.56 -7.88
CA PRO B 9 10.16 19.86 -7.24
C PRO B 9 9.73 18.94 -6.09
N ILE B 10 10.42 17.81 -5.95
CA ILE B 10 10.15 16.85 -4.89
C ILE B 10 11.47 16.27 -4.39
N GLU B 11 11.56 16.02 -3.09
CA GLU B 11 12.79 15.48 -2.53
C GLU B 11 12.82 13.96 -2.55
N VAL B 12 13.84 13.41 -3.19
CA VAL B 12 14.00 11.97 -3.28
C VAL B 12 15.27 11.60 -2.53
N GLY B 13 15.13 10.78 -1.51
CA GLY B 13 16.27 10.40 -0.70
C GLY B 13 16.93 9.07 -1.01
N GLY B 14 18.15 8.92 -0.53
CA GLY B 14 18.90 7.69 -0.73
C GLY B 14 19.88 7.79 -1.88
N HIS B 15 20.75 6.79 -2.00
CA HIS B 15 21.73 6.75 -3.07
C HIS B 15 21.22 5.92 -4.25
N PHE B 16 21.02 6.57 -5.39
CA PHE B 16 20.55 5.86 -6.57
C PHE B 16 21.69 5.04 -7.18
N PRO B 17 21.50 3.72 -7.35
CA PRO B 17 22.52 2.85 -7.92
C PRO B 17 23.10 3.36 -9.24
N GLN B 18 24.43 3.32 -9.35
CA GLN B 18 25.13 3.78 -10.55
C GLN B 18 25.75 2.60 -11.28
N VAL B 19 26.03 2.78 -12.56
CA VAL B 19 26.64 1.72 -13.36
C VAL B 19 27.92 1.23 -12.69
N GLY B 20 28.12 -0.09 -12.69
CA GLY B 20 29.30 -0.66 -12.08
C GLY B 20 29.06 -1.07 -10.64
N GLU B 21 28.02 -0.50 -10.03
CA GLU B 21 27.70 -0.81 -8.64
C GLU B 21 26.89 -2.09 -8.53
N ILE B 22 26.94 -2.71 -7.36
CA ILE B 22 26.22 -3.95 -7.11
C ILE B 22 25.02 -3.70 -6.20
N VAL B 23 23.85 -4.17 -6.62
CA VAL B 23 22.64 -4.02 -5.84
C VAL B 23 22.50 -5.18 -4.87
N GLU B 24 22.42 -4.85 -3.58
CA GLU B 24 22.30 -5.85 -2.53
C GLU B 24 20.98 -6.59 -2.63
N ASN B 25 20.95 -7.80 -2.09
CA ASN B 25 19.75 -8.63 -2.10
C ASN B 25 18.66 -7.93 -1.28
N PHE B 26 17.42 -8.05 -1.74
CA PHE B 26 16.29 -7.44 -1.04
C PHE B 26 15.07 -8.34 -1.12
N ILE B 27 14.16 -8.22 -0.17
CA ILE B 27 12.97 -9.06 -0.14
C ILE B 27 11.70 -8.25 -0.31
N LEU B 28 10.86 -8.65 -1.26
CA LEU B 28 9.60 -7.97 -1.51
C LEU B 28 8.46 -8.99 -1.47
N VAL B 29 7.23 -8.54 -1.69
CA VAL B 29 6.10 -9.45 -1.63
C VAL B 29 5.39 -9.63 -2.98
N GLY B 30 5.16 -10.89 -3.33
CA GLY B 30 4.52 -11.20 -4.59
C GLY B 30 3.01 -11.07 -4.54
N ASN B 31 2.36 -11.18 -5.70
CA ASN B 31 0.92 -11.04 -5.78
C ASN B 31 0.17 -12.01 -4.88
N ASP B 32 0.82 -13.12 -4.52
CA ASP B 32 0.17 -14.11 -3.66
C ASP B 32 0.59 -13.97 -2.19
N LEU B 33 1.06 -12.78 -1.83
CA LEU B 33 1.49 -12.47 -0.47
C LEU B 33 2.72 -13.25 0.00
N ALA B 34 3.38 -13.93 -0.92
CA ALA B 34 4.59 -14.70 -0.58
C ALA B 34 5.83 -13.83 -0.80
N ASP B 35 6.84 -14.03 0.05
CA ASP B 35 8.06 -13.25 -0.07
C ASP B 35 8.84 -13.61 -1.34
N VAL B 36 9.34 -12.59 -2.01
CA VAL B 36 10.10 -12.77 -3.24
C VAL B 36 11.42 -12.01 -3.08
N ALA B 37 12.53 -12.74 -3.10
CA ALA B 37 13.83 -12.10 -2.94
C ALA B 37 14.48 -11.87 -4.30
N LEU B 38 15.34 -10.87 -4.37
CA LEU B 38 16.03 -10.56 -5.61
C LEU B 38 16.84 -11.78 -6.05
N ASN B 39 17.45 -12.46 -5.09
CA ASN B 39 18.27 -13.63 -5.39
C ASN B 39 17.45 -14.86 -5.76
N ASP B 40 16.12 -14.74 -5.75
CA ASP B 40 15.28 -15.87 -6.14
C ASP B 40 15.37 -16.04 -7.65
N PHE B 41 16.01 -15.06 -8.30
CA PHE B 41 16.18 -15.12 -9.75
C PHE B 41 17.67 -15.22 -10.06
N ALA B 42 18.35 -16.11 -9.34
CA ALA B 42 19.79 -16.31 -9.51
C ALA B 42 20.18 -16.54 -10.96
N SER B 43 21.39 -16.11 -11.30
CA SER B 43 21.94 -16.26 -12.65
C SER B 43 21.05 -15.70 -13.75
N LYS B 44 20.22 -14.72 -13.40
CA LYS B 44 19.33 -14.10 -14.38
C LYS B 44 19.50 -12.59 -14.39
N ARG B 45 19.29 -11.97 -15.54
CA ARG B 45 19.38 -10.53 -15.65
C ARG B 45 18.09 -9.97 -15.09
N LYS B 46 18.16 -8.86 -14.36
CA LYS B 46 16.97 -8.27 -13.77
C LYS B 46 16.74 -6.83 -14.22
N VAL B 47 15.47 -6.50 -14.45
CA VAL B 47 15.10 -5.15 -14.83
C VAL B 47 14.16 -4.65 -13.74
N LEU B 48 14.61 -3.68 -12.96
CA LEU B 48 13.79 -3.12 -11.89
C LEU B 48 13.06 -1.91 -12.45
N ASN B 49 11.76 -2.08 -12.67
CA ASN B 49 10.92 -1.02 -13.19
C ASN B 49 10.17 -0.46 -11.98
N ILE B 50 10.64 0.66 -11.47
CA ILE B 50 10.09 1.27 -10.25
C ILE B 50 9.07 2.38 -10.53
N PHE B 51 7.87 2.26 -9.93
CA PHE B 51 6.81 3.23 -10.13
C PHE B 51 6.22 3.77 -8.84
N PRO B 52 5.79 5.04 -8.82
CA PRO B 52 5.18 5.59 -7.61
C PRO B 52 3.94 4.73 -7.35
N SER B 53 3.24 4.40 -8.44
CA SER B 53 2.05 3.54 -8.37
C SER B 53 1.76 2.90 -9.72
N ILE B 54 1.35 1.64 -9.72
CA ILE B 54 0.99 0.97 -10.96
C ILE B 54 -0.50 0.72 -10.94
N ASP B 55 -1.19 1.52 -10.14
CA ASP B 55 -2.63 1.43 -9.95
C ASP B 55 -3.22 2.83 -10.21
N THR B 56 -2.65 3.53 -11.18
CA THR B 56 -3.09 4.89 -11.52
C THR B 56 -4.41 4.90 -12.30
N GLY B 57 -4.90 3.71 -12.63
CA GLY B 57 -6.15 3.61 -13.35
C GLY B 57 -5.91 3.32 -14.82
N VAL B 58 -5.96 4.36 -15.65
CA VAL B 58 -5.75 4.19 -17.07
C VAL B 58 -4.40 3.53 -17.24
N CYS B 59 -4.36 2.37 -17.87
CA CYS B 59 -3.07 1.74 -18.06
C CYS B 59 -2.26 2.58 -19.02
N ALA B 60 -0.96 2.37 -19.00
CA ALA B 60 -0.09 3.11 -19.89
C ALA B 60 -0.16 2.45 -21.26
N THR B 61 0.96 2.48 -21.96
CA THR B 61 1.08 1.91 -23.30
C THR B 61 2.58 1.77 -23.55
N SER B 62 3.29 2.87 -23.38
CA SER B 62 4.74 2.86 -23.55
C SER B 62 5.27 1.98 -22.43
N VAL B 63 4.58 2.01 -21.30
CA VAL B 63 4.95 1.20 -20.15
C VAL B 63 4.83 -0.28 -20.46
N ARG B 64 3.69 -0.68 -21.00
CA ARG B 64 3.47 -2.07 -21.35
C ARG B 64 4.42 -2.50 -22.47
N LYS B 65 4.60 -1.61 -23.45
CA LYS B 65 5.48 -1.90 -24.57
C LYS B 65 6.88 -2.29 -24.06
N PHE B 66 7.40 -1.50 -23.12
CA PHE B 66 8.73 -1.78 -22.57
C PHE B 66 8.79 -3.12 -21.86
N ASN B 67 7.87 -3.35 -20.93
CA ASN B 67 7.85 -4.61 -20.20
C ASN B 67 7.86 -5.81 -21.13
N GLN B 68 7.07 -5.75 -22.21
CA GLN B 68 7.01 -6.85 -23.17
C GLN B 68 8.36 -7.08 -23.83
N GLN B 69 8.90 -6.04 -24.47
CA GLN B 69 10.20 -6.15 -25.14
C GLN B 69 11.30 -6.60 -24.19
N ALA B 70 11.31 -6.07 -22.97
CA ALA B 70 12.32 -6.41 -21.99
C ALA B 70 12.23 -7.88 -21.58
N ALA B 71 11.02 -8.31 -21.22
CA ALA B 71 10.81 -9.69 -20.79
C ALA B 71 11.03 -10.70 -21.90
N LYS B 72 11.02 -10.23 -23.15
CA LYS B 72 11.24 -11.12 -24.28
C LYS B 72 12.71 -11.39 -24.53
N LEU B 73 13.57 -10.64 -23.85
CA LEU B 73 15.01 -10.83 -24.02
C LEU B 73 15.47 -12.13 -23.40
N SER B 74 16.66 -12.59 -23.79
CA SER B 74 17.20 -13.84 -23.29
C SER B 74 17.59 -13.81 -21.82
N ASN B 75 17.09 -14.79 -21.07
CA ASN B 75 17.39 -14.92 -19.65
C ASN B 75 17.30 -13.61 -18.89
N THR B 76 16.12 -13.01 -18.86
CA THR B 76 15.90 -11.75 -18.16
C THR B 76 14.53 -11.72 -17.50
N ILE B 77 14.46 -11.08 -16.34
CA ILE B 77 13.20 -10.95 -15.61
C ILE B 77 12.93 -9.48 -15.33
N VAL B 78 11.70 -9.05 -15.57
CA VAL B 78 11.31 -7.67 -15.35
C VAL B 78 10.52 -7.59 -14.05
N LEU B 79 11.05 -6.84 -13.08
CA LEU B 79 10.37 -6.70 -11.81
C LEU B 79 9.81 -5.29 -11.67
N CYS B 80 8.48 -5.20 -11.69
CA CYS B 80 7.82 -3.90 -11.53
C CYS B 80 7.61 -3.76 -10.03
N ILE B 81 8.26 -2.75 -9.48
CA ILE B 81 8.24 -2.49 -8.06
C ILE B 81 7.50 -1.22 -7.68
N SER B 82 6.66 -1.30 -6.65
CA SER B 82 5.94 -0.13 -6.18
C SER B 82 5.44 -0.42 -4.78
N ALA B 83 4.94 0.60 -4.11
CA ALA B 83 4.42 0.44 -2.76
C ALA B 83 2.96 -0.02 -2.76
N ASP B 84 2.37 -0.17 -3.96
CA ASP B 84 0.99 -0.62 -4.05
C ASP B 84 0.93 -1.97 -3.38
N LEU B 85 -0.18 -2.31 -2.74
CA LEU B 85 -0.26 -3.61 -2.09
C LEU B 85 -0.42 -4.73 -3.13
N PRO B 86 -0.03 -5.96 -2.78
CA PRO B 86 -0.15 -7.08 -3.73
C PRO B 86 -1.52 -7.13 -4.38
N PHE B 87 -2.56 -6.80 -3.62
CA PHE B 87 -3.92 -6.84 -4.14
C PHE B 87 -4.06 -5.96 -5.38
N ALA B 88 -3.52 -4.75 -5.30
CA ALA B 88 -3.60 -3.84 -6.44
C ALA B 88 -2.64 -4.20 -7.55
N GLN B 89 -1.43 -4.62 -7.20
CA GLN B 89 -0.44 -4.96 -8.24
C GLN B 89 -0.89 -6.11 -9.15
N ALA B 90 -1.67 -7.04 -8.59
CA ALA B 90 -2.16 -8.18 -9.34
C ALA B 90 -3.05 -7.77 -10.50
N ARG B 91 -3.52 -6.53 -10.46
CA ARG B 91 -4.38 -5.99 -11.51
C ARG B 91 -3.60 -5.17 -12.52
N PHE B 92 -2.33 -4.89 -12.23
CA PHE B 92 -1.50 -4.10 -13.14
C PHE B 92 -1.52 -4.69 -14.54
N CYS B 93 -2.02 -3.88 -15.46
CA CYS B 93 -2.16 -4.25 -16.86
C CYS B 93 -0.87 -4.05 -17.65
N GLY B 94 0.17 -3.54 -16.98
CA GLY B 94 1.44 -3.31 -17.65
C GLY B 94 2.28 -4.56 -17.81
N ALA B 95 1.90 -5.64 -17.11
CA ALA B 95 2.62 -6.91 -17.20
C ALA B 95 1.72 -8.11 -16.98
N GLU B 96 0.52 -8.08 -17.56
CA GLU B 96 -0.43 -9.18 -17.42
C GLU B 96 0.00 -10.46 -18.13
N GLY B 97 -0.37 -10.56 -19.40
CA GLY B 97 -0.01 -11.75 -20.17
C GLY B 97 1.47 -11.87 -20.46
N ILE B 98 2.29 -11.15 -19.71
CA ILE B 98 3.73 -11.18 -19.90
C ILE B 98 4.37 -12.18 -18.94
N GLU B 99 4.86 -13.28 -19.49
CA GLU B 99 5.50 -14.34 -18.73
C GLU B 99 6.61 -13.87 -17.79
N ASN B 100 7.70 -13.37 -18.37
CA ASN B 100 8.84 -12.93 -17.58
C ASN B 100 8.67 -11.57 -16.89
N ALA B 101 7.42 -11.18 -16.64
CA ALA B 101 7.15 -9.90 -15.98
C ALA B 101 6.32 -10.11 -14.72
N LYS B 102 6.87 -9.71 -13.57
CA LYS B 102 6.16 -9.86 -12.30
C LYS B 102 6.13 -8.56 -11.51
N THR B 103 5.11 -8.40 -10.68
CA THR B 103 4.99 -7.22 -9.85
C THR B 103 5.25 -7.63 -8.41
N VAL B 104 6.04 -6.83 -7.69
CA VAL B 104 6.37 -7.11 -6.30
C VAL B 104 6.19 -5.83 -5.49
N SER B 105 5.65 -5.98 -4.29
CA SER B 105 5.34 -4.85 -3.41
C SER B 105 6.32 -4.59 -2.27
N THR B 106 6.51 -3.31 -1.98
CA THR B 106 7.39 -2.86 -0.90
C THR B 106 6.61 -2.53 0.37
N PHE B 107 5.32 -2.84 0.37
CA PHE B 107 4.47 -2.51 1.52
C PHE B 107 4.97 -2.89 2.92
N ARG B 108 5.81 -3.92 3.05
CA ARG B 108 6.33 -4.25 4.36
C ARG B 108 7.85 -4.18 4.37
N ASN B 109 8.37 -3.34 3.47
CA ASN B 109 9.81 -3.11 3.34
C ASN B 109 10.03 -1.73 2.75
N HIS B 110 9.41 -0.73 3.35
CA HIS B 110 9.56 0.64 2.87
C HIS B 110 11.02 1.08 2.97
N ALA B 111 11.81 0.33 3.74
CA ALA B 111 13.23 0.65 3.91
C ALA B 111 13.94 0.52 2.57
N LEU B 112 13.39 -0.32 1.70
CA LEU B 112 13.99 -0.51 0.38
C LEU B 112 13.97 0.78 -0.44
N HIS B 113 12.96 1.63 -0.23
CA HIS B 113 12.86 2.87 -1.00
C HIS B 113 14.14 3.70 -0.90
N SER B 114 14.62 3.92 0.31
CA SER B 114 15.84 4.70 0.50
C SER B 114 17.07 3.92 -0.01
N GLN B 115 17.06 2.61 0.22
CA GLN B 115 18.17 1.78 -0.21
C GLN B 115 18.44 1.85 -1.71
N LEU B 116 17.39 2.09 -2.49
CA LEU B 116 17.53 2.19 -3.94
C LEU B 116 17.53 3.63 -4.44
N GLY B 117 17.55 4.58 -3.51
CA GLY B 117 17.56 5.99 -3.89
C GLY B 117 16.32 6.51 -4.60
N VAL B 118 15.16 5.92 -4.29
CA VAL B 118 13.91 6.34 -4.91
C VAL B 118 12.85 6.71 -3.86
N ASP B 119 13.31 7.09 -2.67
CA ASP B 119 12.41 7.43 -1.57
C ASP B 119 11.87 8.88 -1.61
N ILE B 120 10.64 9.04 -2.08
CA ILE B 120 9.99 10.35 -2.17
C ILE B 120 9.68 10.78 -0.74
N GLN B 121 10.19 11.95 -0.33
CA GLN B 121 9.96 12.41 1.04
C GLN B 121 9.09 13.65 1.20
N THR B 122 8.69 14.26 0.08
CA THR B 122 7.86 15.45 0.13
C THR B 122 6.73 15.37 -0.87
N GLY B 123 5.68 16.16 -0.62
CA GLY B 123 4.55 16.18 -1.52
C GLY B 123 3.55 15.07 -1.27
N PRO B 124 2.46 15.02 -2.04
CA PRO B 124 1.45 13.98 -1.86
C PRO B 124 1.96 12.57 -2.10
N LEU B 125 3.03 12.44 -2.88
CA LEU B 125 3.60 11.13 -3.17
C LEU B 125 4.64 10.66 -2.17
N ALA B 126 4.81 11.40 -1.08
CA ALA B 126 5.79 10.99 -0.06
C ALA B 126 5.42 9.60 0.40
N GLY B 127 6.43 8.76 0.61
CA GLY B 127 6.17 7.40 1.05
C GLY B 127 6.07 6.43 -0.10
N LEU B 128 6.17 6.94 -1.33
CA LEU B 128 6.11 6.09 -2.51
C LEU B 128 7.47 6.10 -3.20
N THR B 129 7.68 5.16 -4.12
CA THR B 129 8.95 5.08 -4.83
C THR B 129 8.96 5.95 -6.09
N SER B 130 10.03 6.73 -6.25
CA SER B 130 10.17 7.59 -7.41
C SER B 130 10.34 6.75 -8.67
N ARG B 131 9.94 7.29 -9.82
CA ARG B 131 10.05 6.57 -11.09
C ARG B 131 11.49 6.31 -11.47
N ALA B 132 11.82 5.05 -11.68
CA ALA B 132 13.20 4.72 -12.05
C ALA B 132 13.28 3.39 -12.77
N VAL B 133 14.41 3.19 -13.46
CA VAL B 133 14.64 1.96 -14.17
C VAL B 133 16.09 1.57 -13.90
N ILE B 134 16.28 0.39 -13.33
CA ILE B 134 17.61 -0.11 -13.03
C ILE B 134 17.79 -1.49 -13.65
N VAL B 135 18.84 -1.64 -14.45
CA VAL B 135 19.13 -2.91 -15.10
C VAL B 135 20.29 -3.61 -14.40
N LEU B 136 20.11 -4.88 -14.09
CA LEU B 136 21.15 -5.65 -13.40
C LEU B 136 21.49 -6.91 -14.20
N ASP B 137 22.76 -7.31 -14.17
CA ASP B 137 23.14 -8.52 -14.88
C ASP B 137 22.86 -9.71 -13.98
N GLU B 138 23.24 -10.91 -14.43
CA GLU B 138 23.00 -12.10 -13.63
C GLU B 138 23.82 -12.16 -12.35
N GLN B 139 24.67 -11.16 -12.16
CA GLN B 139 25.50 -11.08 -10.95
C GLN B 139 25.07 -9.88 -10.11
N ASN B 140 23.94 -9.28 -10.51
CA ASN B 140 23.38 -8.11 -9.82
C ASN B 140 24.20 -6.84 -9.96
N ASN B 141 25.01 -6.76 -11.01
CA ASN B 141 25.80 -5.56 -11.24
C ASN B 141 25.01 -4.61 -12.13
N VAL B 142 25.03 -3.33 -11.78
CA VAL B 142 24.29 -2.32 -12.55
C VAL B 142 24.84 -2.12 -13.95
N LEU B 143 24.04 -2.50 -14.96
CA LEU B 143 24.46 -2.34 -16.34
C LEU B 143 23.95 -0.99 -16.83
N HIS B 144 22.90 -0.50 -16.21
CA HIS B 144 22.28 0.77 -16.55
C HIS B 144 21.25 1.17 -15.50
N SER B 145 21.04 2.48 -15.34
CA SER B 145 20.08 2.97 -14.36
C SER B 145 19.71 4.42 -14.66
N GLN B 146 18.45 4.78 -14.39
CA GLN B 146 17.97 6.13 -14.61
C GLN B 146 16.88 6.50 -13.62
N LEU B 147 17.06 7.66 -12.98
CA LEU B 147 16.08 8.19 -12.04
C LEU B 147 15.43 9.32 -12.82
N VAL B 148 14.26 9.04 -13.38
CA VAL B 148 13.55 10.01 -14.20
C VAL B 148 13.41 11.37 -13.52
N GLU B 149 13.86 12.42 -14.19
CA GLU B 149 13.81 13.77 -13.65
C GLU B 149 12.37 14.24 -13.42
N GLU B 150 11.47 13.80 -14.28
CA GLU B 150 10.07 14.16 -14.17
C GLU B 150 9.24 12.88 -14.03
N ILE B 151 8.54 12.74 -12.91
CA ILE B 151 7.72 11.55 -12.68
C ILE B 151 6.78 11.27 -13.83
N LYS B 152 6.07 12.29 -14.30
CA LYS B 152 5.13 12.13 -15.40
C LYS B 152 5.83 12.15 -16.75
N GLU B 153 7.06 11.67 -16.79
CA GLU B 153 7.83 11.65 -18.03
C GLU B 153 8.27 10.23 -18.38
N GLU B 154 8.19 9.89 -19.65
CA GLU B 154 8.56 8.56 -20.14
C GLU B 154 10.06 8.32 -20.02
N PRO B 155 10.46 7.27 -19.29
CA PRO B 155 11.87 6.91 -19.09
C PRO B 155 12.59 6.63 -20.42
N ASN B 156 13.91 6.63 -20.38
CA ASN B 156 14.71 6.35 -21.57
C ASN B 156 14.75 4.84 -21.74
N TYR B 157 13.63 4.26 -22.17
CA TYR B 157 13.53 2.82 -22.35
C TYR B 157 14.59 2.24 -23.28
N GLU B 158 14.80 2.88 -24.42
CA GLU B 158 15.78 2.39 -25.39
C GLU B 158 17.14 2.13 -24.75
N ALA B 159 17.64 3.10 -23.99
CA ALA B 159 18.93 2.97 -23.33
C ALA B 159 18.99 1.74 -22.44
N ALA B 160 17.86 1.41 -21.81
CA ALA B 160 17.78 0.26 -20.91
C ALA B 160 17.86 -1.05 -21.69
N LEU B 161 17.22 -1.08 -22.86
CA LEU B 161 17.24 -2.27 -23.69
C LEU B 161 18.58 -2.45 -24.37
N ALA B 162 19.14 -1.34 -24.86
CA ALA B 162 20.42 -1.34 -25.55
C ALA B 162 21.53 -2.04 -24.76
N VAL B 163 21.48 -1.93 -23.44
CA VAL B 163 22.51 -2.54 -22.60
C VAL B 163 22.24 -4.02 -22.33
N LEU B 164 20.97 -4.42 -22.39
CA LEU B 164 20.61 -5.81 -22.16
C LEU B 164 21.00 -6.74 -23.29
N ALA B 165 21.20 -6.18 -24.48
CA ALA B 165 21.57 -6.99 -25.63
C ALA B 165 23.05 -6.79 -25.98
#